data_5K1D
#
_entry.id   5K1D
#
_cell.length_a   49.625
_cell.length_b   59.381
_cell.length_c   112.833
_cell.angle_alpha   90.00
_cell.angle_beta   90.00
_cell.angle_gamma   90.00
#
_symmetry.space_group_name_H-M   'P 21 21 21'
#
loop_
_entity.id
_entity.type
_entity.pdbx_description
1 polymer Beta-lactamase
2 non-polymer "GUANOSINE-5'-MONOPHOSPHATE"
3 non-polymer 'CADMIUM ION'
4 water water
#
_entity_poly.entity_id   1
_entity_poly.type   'polypeptide(L)'
_entity_poly.pdbx_seq_one_letter_code
;MHHHHHHGEASPVDPLRPVVDASIQPLLKEHRIPGMAVAVLKDGKAHYFNYGVANRESGAGVSEQTLFEIGSVSKTLTAT
LGAYAVVKGAMQLDDKASRHAPWLKGSAFDSITMGELATYSAGGLPLQFPEEVDSSEKMRAYYRQWAPVYSPGSHRQYSN
PSIGLFGHLAASSLKQPFAPLMEQTLLPGLGMHHTYVNVPKQAMASYAYGYSKEDKPIRVNPGMLADEAYGIKTSSADLL
RFVKANIGGVDDKALQQAISLTHQGHYSVGGMTQGLGWESYAYPVTEQTLLAGNSAKVILEANPTAAPRESGSQVLFNKT
GSTNGFGAYVAFVPARGIGIVMLANRNYPIEARIKAAHAILAQLAG
;
_entity_poly.pdbx_strand_id   A
#
loop_
_chem_comp.id
_chem_comp.type
_chem_comp.name
_chem_comp.formula
5GP non-polymer GUANOSINE-5'-MONOPHOSPHATE 'C10 H14 N5 O8 P'
CD non-polymer 'CADMIUM ION' 'Cd 2'
#
# COMPACT_ATOMS: atom_id res chain seq x y z
N HIS A 6 4.33 30.70 -18.91
CA HIS A 6 3.11 31.21 -18.29
C HIS A 6 3.38 32.55 -17.58
N HIS A 7 4.30 33.35 -18.12
CA HIS A 7 4.60 34.67 -17.56
C HIS A 7 3.37 35.59 -17.66
N GLY A 8 2.98 36.19 -16.55
CA GLY A 8 1.88 37.13 -16.54
C GLY A 8 0.57 36.51 -16.08
N GLU A 9 0.58 35.19 -15.88
CA GLU A 9 -0.56 34.49 -15.31
C GLU A 9 -0.52 34.55 -13.79
N ALA A 10 -1.69 34.55 -13.17
CA ALA A 10 -1.77 34.54 -11.72
C ALA A 10 -1.17 33.24 -11.17
N SER A 11 -0.29 33.36 -10.18
CA SER A 11 0.22 32.18 -9.47
C SER A 11 -0.88 31.59 -8.60
N PRO A 12 -0.93 30.25 -8.52
CA PRO A 12 -1.95 29.57 -7.69
C PRO A 12 -2.04 30.17 -6.28
N VAL A 13 -3.25 30.18 -5.71
CA VAL A 13 -3.50 30.88 -4.45
C VAL A 13 -3.17 30.06 -3.19
N ASP A 14 -3.30 28.73 -3.30
CA ASP A 14 -3.01 27.82 -2.19
C ASP A 14 -1.65 28.09 -1.56
N PRO A 15 -1.62 28.45 -0.28
CA PRO A 15 -0.35 28.82 0.38
C PRO A 15 0.56 27.62 0.62
N LEU A 16 0.05 26.41 0.39
CA LEU A 16 0.85 25.19 0.51
C LEU A 16 1.54 24.83 -0.79
N ARG A 17 1.10 25.42 -1.89
CA ARG A 17 1.67 25.14 -3.21
C ARG A 17 3.19 25.31 -3.27
N PRO A 18 3.75 26.38 -2.67
CA PRO A 18 5.20 26.54 -2.81
C PRO A 18 6.00 25.48 -2.06
N VAL A 19 5.47 25.02 -0.92
CA VAL A 19 6.10 23.95 -0.14
C VAL A 19 6.12 22.64 -0.92
N VAL A 20 4.99 22.29 -1.50
CA VAL A 20 4.90 21.04 -2.25
C VAL A 20 5.77 21.09 -3.51
N ASP A 21 5.54 22.11 -4.34
CA ASP A 21 6.38 22.41 -5.51
C ASP A 21 7.89 22.30 -5.23
N ALA A 22 8.36 22.91 -4.14
CA ALA A 22 9.80 22.95 -3.87
C ALA A 22 10.37 21.54 -3.71
N SER A 23 9.57 20.62 -3.20
CA SER A 23 10.04 19.24 -3.04
C SER A 23 9.77 18.37 -4.27
N ILE A 24 8.67 18.66 -4.97
CA ILE A 24 8.18 17.75 -6.01
C ILE A 24 8.73 18.05 -7.41
N GLN A 25 8.84 19.32 -7.78
CA GLN A 25 9.37 19.68 -9.11
C GLN A 25 10.80 19.16 -9.38
N PRO A 26 11.73 19.29 -8.40
CA PRO A 26 13.05 18.67 -8.66
C PRO A 26 12.96 17.16 -8.88
N LEU A 27 12.02 16.52 -8.21
CA LEU A 27 11.77 15.09 -8.34
C LEU A 27 11.36 14.70 -9.77
N LEU A 28 10.41 15.45 -10.33
CA LEU A 28 9.92 15.18 -11.66
C LEU A 28 11.00 15.35 -12.72
N LYS A 29 11.83 16.38 -12.55
CA LYS A 29 12.88 16.69 -13.51
C LYS A 29 14.00 15.65 -13.42
N GLU A 30 14.48 15.43 -12.21
CA GLU A 30 15.62 14.54 -11.97
C GLU A 30 15.38 13.11 -12.48
N HIS A 31 14.25 12.53 -12.11
CA HIS A 31 13.98 11.15 -12.52
C HIS A 31 13.03 11.07 -13.72
N ARG A 32 12.91 12.17 -14.46
CA ARG A 32 12.04 12.30 -15.64
C ARG A 32 10.68 11.61 -15.51
N ILE A 33 9.91 12.06 -14.53
CA ILE A 33 8.59 11.50 -14.25
C ILE A 33 7.55 12.17 -15.13
N PRO A 34 6.78 11.39 -15.89
CA PRO A 34 5.78 11.96 -16.82
C PRO A 34 4.65 12.69 -16.10
N GLY A 35 4.16 12.13 -14.99
CA GLY A 35 3.09 12.78 -14.25
C GLY A 35 3.03 12.34 -12.79
N MET A 36 2.63 13.26 -11.92
CA MET A 36 2.39 12.93 -10.52
C MET A 36 1.19 13.69 -9.96
N ALA A 37 0.34 12.96 -9.24
CA ALA A 37 -0.73 13.55 -8.45
C ALA A 37 -0.32 13.54 -6.97
N VAL A 38 -0.32 14.71 -6.35
CA VAL A 38 0.03 14.80 -4.94
C VAL A 38 -1.15 15.35 -4.17
N ALA A 39 -1.46 14.72 -3.04
CA ALA A 39 -2.54 15.20 -2.19
C ALA A 39 -2.02 15.30 -0.77
N VAL A 40 -2.38 16.39 -0.11
CA VAL A 40 -1.87 16.68 1.21
C VAL A 40 -3.01 17.00 2.15
N LEU A 41 -2.95 16.49 3.38
CA LEU A 41 -3.93 16.81 4.42
C LEU A 41 -3.31 17.75 5.44
N LYS A 42 -4.05 18.79 5.81
CA LYS A 42 -3.64 19.71 6.87
C LYS A 42 -4.86 20.45 7.41
N ASP A 43 -5.03 20.45 8.72
CA ASP A 43 -6.14 21.16 9.37
C ASP A 43 -7.51 20.76 8.82
N GLY A 44 -7.69 19.46 8.60
CA GLY A 44 -8.94 18.94 8.08
C GLY A 44 -9.27 19.24 6.63
N LYS A 45 -8.32 19.78 5.85
CA LYS A 45 -8.60 20.04 4.45
C LYS A 45 -7.61 19.36 3.51
N ALA A 46 -8.14 18.86 2.41
CA ALA A 46 -7.35 18.24 1.35
C ALA A 46 -6.86 19.29 0.37
N HIS A 47 -5.58 19.22 0.02
CA HIS A 47 -5.00 20.08 -1.00
C HIS A 47 -4.42 19.22 -2.12
N TYR A 48 -4.82 19.50 -3.36
CA TYR A 48 -4.37 18.70 -4.49
C TYR A 48 -3.37 19.47 -5.33
N PHE A 49 -2.24 18.83 -5.64
CA PHE A 49 -1.28 19.44 -6.54
C PHE A 49 -0.91 18.43 -7.60
N ASN A 50 -1.09 18.83 -8.86
CA ASN A 50 -0.93 17.95 -10.01
C ASN A 50 0.15 18.38 -10.98
N TYR A 51 0.88 17.40 -11.49
CA TYR A 51 2.01 17.69 -12.34
C TYR A 51 2.01 16.78 -13.55
N GLY A 52 2.36 17.34 -14.70
CA GLY A 52 2.61 16.57 -15.91
C GLY A 52 1.42 15.84 -16.50
N VAL A 53 1.71 14.72 -17.16
CA VAL A 53 0.73 14.04 -18.00
C VAL A 53 0.47 12.61 -17.56
N ALA A 54 -0.79 12.19 -17.67
CA ALA A 54 -1.20 10.86 -17.26
C ALA A 54 -1.06 9.83 -18.38
N ASN A 55 -1.21 10.31 -19.60
CA ASN A 55 -1.20 9.45 -20.78
C ASN A 55 -0.61 10.24 -21.93
N ARG A 56 0.54 9.80 -22.45
CA ARG A 56 1.23 10.54 -23.50
C ARG A 56 0.51 10.51 -24.85
N GLU A 57 -0.41 9.55 -25.01
CA GLU A 57 -1.17 9.46 -26.25
C GLU A 57 -2.31 10.49 -26.28
N SER A 58 -2.92 10.75 -25.14
CA SER A 58 -4.02 11.72 -25.09
C SER A 58 -3.53 13.11 -24.72
N GLY A 59 -2.34 13.19 -24.13
CA GLY A 59 -1.81 14.44 -23.63
C GLY A 59 -2.51 14.98 -22.41
N ALA A 60 -3.46 14.21 -21.87
CA ALA A 60 -4.28 14.64 -20.74
C ALA A 60 -3.43 14.83 -19.49
N GLY A 61 -3.62 15.97 -18.84
CA GLY A 61 -2.87 16.27 -17.63
C GLY A 61 -3.33 15.43 -16.46
N VAL A 62 -2.41 15.12 -15.56
CA VAL A 62 -2.73 14.48 -14.29
C VAL A 62 -3.70 15.35 -13.49
N SER A 63 -4.72 14.75 -12.87
CA SER A 63 -5.54 15.44 -11.88
C SER A 63 -5.74 14.55 -10.66
N GLU A 64 -6.51 15.03 -9.69
CA GLU A 64 -6.77 14.22 -8.49
C GLU A 64 -7.87 13.20 -8.77
N GLN A 65 -8.32 13.16 -10.03
CA GLN A 65 -9.28 12.15 -10.47
C GLN A 65 -8.58 11.05 -11.29
N THR A 66 -7.33 11.31 -11.68
CA THR A 66 -6.52 10.37 -12.44
C THR A 66 -6.29 9.07 -11.67
N LEU A 67 -6.47 7.93 -12.34
CA LEU A 67 -6.22 6.63 -11.72
C LEU A 67 -4.78 6.17 -11.96
N PHE A 68 -4.08 5.87 -10.86
CA PHE A 68 -2.72 5.35 -10.88
C PHE A 68 -2.72 3.96 -10.29
N GLU A 69 -1.79 3.12 -10.74
CA GLU A 69 -1.51 1.89 -10.03
C GLU A 69 -0.73 2.25 -8.77
N ILE A 70 -1.11 1.68 -7.64
CA ILE A 70 -0.40 2.03 -6.42
C ILE A 70 0.46 0.89 -5.88
N GLY A 71 0.54 -0.20 -6.63
CA GLY A 71 1.34 -1.35 -6.26
C GLY A 71 1.11 -1.82 -4.83
N SER A 72 2.19 -2.07 -4.12
CA SER A 72 2.09 -2.59 -2.74
C SER A 72 1.36 -1.69 -1.72
N VAL A 73 0.93 -0.49 -2.12
CA VAL A 73 0.09 0.28 -1.22
C VAL A 73 -1.24 -0.46 -1.08
N SER A 74 -1.56 -1.27 -2.09
CA SER A 74 -2.69 -2.19 -2.06
C SER A 74 -2.75 -3.06 -0.80
N LYS A 75 -1.58 -3.37 -0.27
CA LYS A 75 -1.47 -4.21 0.93
C LYS A 75 -2.13 -3.60 2.17
N THR A 76 -2.21 -2.27 2.22
CA THR A 76 -2.89 -1.64 3.35
C THR A 76 -4.40 -1.88 3.23
N LEU A 77 -4.89 -1.95 1.99
CA LEU A 77 -6.32 -2.18 1.79
C LEU A 77 -6.61 -3.66 2.00
N THR A 78 -5.75 -4.53 1.49
CA THR A 78 -5.86 -5.97 1.74
C THR A 78 -5.87 -6.27 3.25
N ALA A 79 -4.98 -5.60 3.98
CA ALA A 79 -4.89 -5.81 5.43
C ALA A 79 -6.14 -5.32 6.14
N THR A 80 -6.75 -4.26 5.61
CA THR A 80 -7.97 -3.71 6.19
C THR A 80 -9.13 -4.69 5.97
N LEU A 81 -9.18 -5.30 4.78
CA LEU A 81 -10.13 -6.36 4.49
C LEU A 81 -9.95 -7.51 5.47
N GLY A 82 -8.69 -7.87 5.70
CA GLY A 82 -8.38 -8.94 6.63
C GLY A 82 -8.82 -8.61 8.04
N ALA A 83 -8.45 -7.42 8.52
CA ALA A 83 -8.91 -6.95 9.82
C ALA A 83 -10.43 -6.91 9.91
N TYR A 84 -11.09 -6.63 8.78
CA TYR A 84 -12.54 -6.57 8.73
C TYR A 84 -13.13 -7.96 9.00
N ALA A 85 -12.47 -8.98 8.49
CA ALA A 85 -12.89 -10.35 8.76
C ALA A 85 -12.66 -10.72 10.23
N VAL A 86 -11.62 -10.17 10.84
CA VAL A 86 -11.40 -10.39 12.27
C VAL A 86 -12.53 -9.78 13.08
N VAL A 87 -12.80 -8.50 12.82
CA VAL A 87 -13.87 -7.76 13.48
C VAL A 87 -15.20 -8.48 13.34
N LYS A 88 -15.46 -9.02 12.15
CA LYS A 88 -16.73 -9.70 11.90
C LYS A 88 -16.78 -11.10 12.51
N GLY A 89 -15.64 -11.61 12.99
CA GLY A 89 -15.60 -12.90 13.66
C GLY A 89 -15.42 -14.09 12.75
N ALA A 90 -15.02 -13.82 11.51
CA ALA A 90 -14.91 -14.84 10.47
C ALA A 90 -13.53 -15.50 10.50
N MET A 91 -12.61 -14.87 11.21
CA MET A 91 -11.27 -15.42 11.39
C MET A 91 -10.61 -14.68 12.54
N GLN A 92 -9.57 -15.28 13.08
CA GLN A 92 -8.73 -14.64 14.08
C GLN A 92 -7.32 -14.62 13.52
N LEU A 93 -6.51 -13.65 13.92
CA LEU A 93 -5.14 -13.58 13.41
C LEU A 93 -4.29 -14.79 13.86
N ASP A 94 -4.68 -15.45 14.95
CA ASP A 94 -3.91 -16.61 15.41
C ASP A 94 -4.43 -17.95 14.84
N ASP A 95 -5.49 -17.91 14.04
CA ASP A 95 -5.89 -19.07 13.26
C ASP A 95 -4.72 -19.63 12.43
N LYS A 96 -4.53 -20.95 12.44
CA LYS A 96 -3.68 -21.57 11.43
C LYS A 96 -4.27 -21.30 10.04
N ALA A 97 -3.41 -21.05 9.07
CA ALA A 97 -3.86 -20.77 7.70
C ALA A 97 -4.73 -21.90 7.12
N SER A 98 -4.44 -23.14 7.47
CA SER A 98 -5.17 -24.25 6.86
C SER A 98 -6.58 -24.40 7.42
N ARG A 99 -6.91 -23.70 8.50
CA ARG A 99 -8.30 -23.62 8.94
C ARG A 99 -9.20 -23.02 7.85
N HIS A 100 -8.63 -22.14 7.01
CA HIS A 100 -9.43 -21.38 6.05
C HIS A 100 -9.24 -21.84 4.62
N ALA A 101 -8.54 -22.96 4.45
CA ALA A 101 -8.34 -23.57 3.15
C ALA A 101 -8.03 -25.05 3.33
N PRO A 102 -9.02 -25.92 3.06
CA PRO A 102 -8.78 -27.33 3.32
C PRO A 102 -7.71 -27.92 2.40
N TRP A 103 -7.46 -27.31 1.25
CA TRP A 103 -6.39 -27.79 0.36
C TRP A 103 -5.01 -27.55 0.97
N LEU A 104 -4.96 -26.79 2.06
CA LEU A 104 -3.70 -26.53 2.75
C LEU A 104 -3.43 -27.53 3.88
N LYS A 105 -4.45 -28.26 4.30
CA LYS A 105 -4.31 -29.25 5.37
C LYS A 105 -3.24 -30.27 4.99
N GLY A 106 -2.33 -30.54 5.92
CA GLY A 106 -1.25 -31.48 5.68
C GLY A 106 0.09 -30.82 5.41
N SER A 107 0.06 -29.51 5.15
CA SER A 107 1.27 -28.78 4.80
C SER A 107 1.81 -27.96 5.97
N ALA A 108 2.83 -27.16 5.69
CA ALA A 108 3.45 -26.31 6.70
C ALA A 108 2.44 -25.29 7.25
N PHE A 109 1.44 -24.97 6.44
CA PHE A 109 0.46 -23.95 6.79
C PHE A 109 -0.56 -24.45 7.81
N ASP A 110 -0.41 -25.72 8.21
CA ASP A 110 -0.98 -26.23 9.44
C ASP A 110 -0.41 -25.56 10.69
N SER A 111 0.79 -25.01 10.59
CA SER A 111 1.47 -24.50 11.77
C SER A 111 1.83 -23.03 11.64
N ILE A 112 1.22 -22.36 10.66
CA ILE A 112 1.51 -20.97 10.35
C ILE A 112 0.23 -20.17 10.49
N THR A 113 0.30 -19.03 11.18
CA THR A 113 -0.91 -18.26 11.47
C THR A 113 -1.27 -17.28 10.36
N MET A 114 -2.51 -16.83 10.38
CA MET A 114 -2.99 -15.82 9.47
C MET A 114 -2.17 -14.56 9.66
N GLY A 115 -1.92 -14.23 10.93
CA GLY A 115 -1.14 -13.06 11.29
C GLY A 115 0.26 -13.09 10.70
N GLU A 116 0.87 -14.27 10.75
CA GLU A 116 2.22 -14.41 10.22
C GLU A 116 2.22 -14.22 8.69
N LEU A 117 1.18 -14.71 8.03
CA LEU A 117 1.05 -14.45 6.60
C LEU A 117 1.01 -12.96 6.33
N ALA A 118 0.21 -12.24 7.12
CA ALA A 118 -0.09 -10.82 6.87
C ALA A 118 1.13 -9.95 7.10
N THR A 119 2.03 -10.42 7.95
CA THR A 119 3.17 -9.65 8.37
C THR A 119 4.49 -10.23 7.83
N TYR A 120 4.37 -11.05 6.78
CA TYR A 120 5.51 -11.58 6.04
C TYR A 120 6.47 -12.36 6.95
N SER A 121 5.95 -12.95 8.01
CA SER A 121 6.80 -13.63 8.99
C SER A 121 6.46 -15.12 9.12
N ALA A 122 5.94 -15.69 8.03
CA ALA A 122 5.58 -17.11 7.99
C ALA A 122 6.81 -18.03 8.08
N GLY A 123 7.93 -17.55 7.54
CA GLY A 123 9.18 -18.30 7.58
C GLY A 123 9.93 -18.35 6.26
N GLY A 124 9.94 -17.24 5.53
CA GLY A 124 10.78 -17.13 4.35
C GLY A 124 10.11 -17.32 3.01
N LEU A 125 8.81 -17.10 2.93
CA LEU A 125 8.17 -16.98 1.63
C LEU A 125 8.86 -15.84 0.88
N PRO A 126 9.14 -16.07 -0.42
CA PRO A 126 9.87 -15.13 -1.29
C PRO A 126 9.06 -13.88 -1.64
N LEU A 127 9.75 -12.85 -2.11
CA LEU A 127 9.10 -11.62 -2.53
C LEU A 127 8.05 -11.89 -3.61
N GLN A 128 8.42 -12.68 -4.61
CA GLN A 128 7.53 -13.01 -5.71
C GLN A 128 7.33 -14.51 -5.86
N PHE A 129 6.23 -14.87 -6.49
CA PHE A 129 6.02 -16.25 -6.92
C PHE A 129 7.10 -16.62 -7.93
N PRO A 130 7.53 -17.90 -7.94
CA PRO A 130 8.36 -18.33 -9.06
C PRO A 130 7.59 -18.10 -10.34
N GLU A 131 8.27 -17.78 -11.43
CA GLU A 131 7.57 -17.40 -12.66
C GLU A 131 6.64 -18.52 -13.17
N GLU A 132 7.03 -19.78 -12.98
CA GLU A 132 6.22 -20.90 -13.45
C GLU A 132 4.88 -21.04 -12.72
N VAL A 133 4.72 -20.35 -11.58
CA VAL A 133 3.45 -20.37 -10.86
C VAL A 133 2.48 -19.36 -11.47
N ASP A 134 1.69 -19.81 -12.46
CA ASP A 134 0.84 -18.89 -13.23
C ASP A 134 -0.63 -19.34 -13.34
N SER A 135 -1.07 -20.19 -12.44
CA SER A 135 -2.46 -20.61 -12.40
C SER A 135 -2.83 -20.89 -10.97
N SER A 136 -4.13 -20.90 -10.68
CA SER A 136 -4.59 -21.19 -9.32
C SER A 136 -4.19 -22.60 -8.90
N GLU A 137 -4.20 -23.54 -9.84
CA GLU A 137 -3.77 -24.90 -9.57
C GLU A 137 -2.28 -24.96 -9.22
N LYS A 138 -1.45 -24.28 -10.02
CA LYS A 138 -0.02 -24.26 -9.77
C LYS A 138 0.30 -23.51 -8.48
N MET A 139 -0.53 -22.52 -8.16
CA MET A 139 -0.37 -21.78 -6.91
C MET A 139 -0.55 -22.69 -5.70
N ARG A 140 -1.66 -23.44 -5.69
CA ARG A 140 -1.91 -24.40 -4.62
C ARG A 140 -0.77 -25.40 -4.44
N ALA A 141 -0.28 -25.96 -5.54
CA ALA A 141 0.84 -26.88 -5.51
C ALA A 141 2.07 -26.23 -4.89
N TYR A 142 2.36 -25.01 -5.31
CA TYR A 142 3.52 -24.29 -4.77
C TYR A 142 3.47 -24.18 -3.24
N TYR A 143 2.34 -23.73 -2.70
CA TYR A 143 2.21 -23.60 -1.24
C TYR A 143 2.31 -24.92 -0.51
N ARG A 144 1.81 -26.01 -1.10
CA ARG A 144 1.82 -27.29 -0.39
C ARG A 144 3.22 -27.87 -0.33
N GLN A 145 4.08 -27.48 -1.27
CA GLN A 145 5.43 -28.04 -1.34
C GLN A 145 6.47 -27.09 -0.76
N TRP A 146 6.06 -25.87 -0.44
CA TRP A 146 6.99 -24.89 0.12
C TRP A 146 7.63 -25.36 1.42
N ALA A 147 8.95 -25.22 1.50
CA ALA A 147 9.69 -25.58 2.70
C ALA A 147 10.05 -24.35 3.49
N PRO A 148 9.57 -24.27 4.73
CA PRO A 148 9.90 -23.13 5.60
C PRO A 148 11.40 -22.98 5.75
N VAL A 149 11.88 -21.76 5.61
CA VAL A 149 13.30 -21.42 5.73
C VAL A 149 13.63 -21.13 7.18
N TYR A 150 12.75 -20.34 7.80
CA TYR A 150 12.89 -19.95 9.20
C TYR A 150 11.66 -20.38 9.95
N SER A 151 11.80 -20.46 11.28
CA SER A 151 10.66 -20.76 12.13
C SER A 151 9.67 -19.61 12.03
N PRO A 152 8.37 -19.91 12.14
CA PRO A 152 7.31 -18.90 12.07
C PRO A 152 7.49 -17.81 13.11
N GLY A 153 7.41 -16.55 12.68
CA GLY A 153 7.49 -15.41 13.57
C GLY A 153 8.88 -14.84 13.77
N SER A 154 9.91 -15.57 13.36
CA SER A 154 11.27 -15.16 13.68
C SER A 154 11.86 -14.13 12.72
N HIS A 155 11.41 -14.13 11.48
CA HIS A 155 11.98 -13.23 10.50
C HIS A 155 10.93 -12.60 9.62
N ARG A 156 11.20 -11.35 9.24
CA ARG A 156 10.43 -10.66 8.23
C ARG A 156 11.10 -10.83 6.87
N GLN A 157 10.38 -11.42 5.92
CA GLN A 157 10.79 -11.45 4.53
C GLN A 157 9.61 -10.96 3.69
N TYR A 158 9.68 -9.68 3.29
CA TYR A 158 8.65 -9.02 2.51
C TYR A 158 8.27 -9.89 1.33
N SER A 159 6.99 -10.28 1.27
CA SER A 159 6.53 -11.31 0.35
C SER A 159 5.12 -11.08 -0.19
N ASN A 160 4.99 -11.05 -1.51
CA ASN A 160 3.65 -11.04 -2.11
C ASN A 160 2.90 -12.37 -1.92
N PRO A 161 3.58 -13.53 -2.07
CA PRO A 161 2.86 -14.78 -1.75
C PRO A 161 2.33 -14.83 -0.31
N SER A 162 3.02 -14.19 0.62
CA SER A 162 2.60 -14.19 2.03
C SER A 162 1.34 -13.36 2.27
N ILE A 163 1.39 -12.05 2.08
CA ILE A 163 0.19 -11.25 2.31
C ILE A 163 -0.87 -11.54 1.26
N GLY A 164 -0.44 -12.01 0.08
CA GLY A 164 -1.37 -12.43 -0.94
C GLY A 164 -2.26 -13.55 -0.42
N LEU A 165 -1.65 -14.55 0.20
CA LEU A 165 -2.40 -15.68 0.74
C LEU A 165 -3.28 -15.23 1.91
N PHE A 166 -2.78 -14.33 2.74
CA PHE A 166 -3.58 -13.76 3.82
C PHE A 166 -4.87 -13.11 3.31
N GLY A 167 -4.73 -12.23 2.33
CA GLY A 167 -5.88 -11.62 1.68
C GLY A 167 -6.86 -12.65 1.13
N HIS A 168 -6.30 -13.62 0.42
CA HIS A 168 -7.13 -14.68 -0.17
C HIS A 168 -7.97 -15.47 0.84
N LEU A 169 -7.34 -15.94 1.91
CA LEU A 169 -8.06 -16.75 2.91
C LEU A 169 -9.01 -15.89 3.73
N ALA A 170 -8.64 -14.62 3.90
CA ALA A 170 -9.49 -13.65 4.58
C ALA A 170 -10.83 -13.49 3.83
N ALA A 171 -10.75 -13.36 2.52
CA ALA A 171 -11.96 -13.25 1.71
C ALA A 171 -12.72 -14.58 1.71
N SER A 172 -11.98 -15.69 1.69
CA SER A 172 -12.58 -17.01 1.80
C SER A 172 -13.32 -17.18 3.16
N SER A 173 -12.77 -16.63 4.23
CA SER A 173 -13.46 -16.74 5.53
C SER A 173 -14.79 -15.98 5.49
N LEU A 174 -14.85 -14.94 4.66
CA LEU A 174 -16.05 -14.13 4.52
C LEU A 174 -16.95 -14.59 3.37
N LYS A 175 -16.65 -15.77 2.84
CA LYS A 175 -17.47 -16.42 1.81
C LYS A 175 -17.73 -15.54 0.59
N GLN A 176 -16.71 -14.80 0.17
CA GLN A 176 -16.81 -13.96 -1.04
C GLN A 176 -15.46 -13.85 -1.72
N PRO A 177 -15.44 -13.88 -3.05
CA PRO A 177 -14.17 -13.66 -3.75
C PRO A 177 -13.59 -12.28 -3.44
N PHE A 178 -12.27 -12.21 -3.40
CA PHE A 178 -11.56 -11.01 -2.96
C PHE A 178 -12.00 -9.73 -3.67
N ALA A 179 -11.98 -9.72 -5.00
CA ALA A 179 -12.22 -8.50 -5.76
C ALA A 179 -13.64 -7.91 -5.57
N PRO A 180 -14.71 -8.74 -5.71
CA PRO A 180 -16.05 -8.21 -5.38
C PRO A 180 -16.17 -7.74 -3.93
N LEU A 181 -15.55 -8.48 -3.01
CA LEU A 181 -15.60 -8.11 -1.61
C LEU A 181 -14.96 -6.74 -1.39
N MET A 182 -13.80 -6.54 -2.00
CA MET A 182 -13.09 -5.25 -1.93
C MET A 182 -13.89 -4.09 -2.53
N GLU A 183 -14.41 -4.29 -3.74
CA GLU A 183 -15.05 -3.23 -4.50
C GLU A 183 -16.49 -2.96 -4.00
N GLN A 184 -17.15 -3.97 -3.45
CA GLN A 184 -18.57 -3.85 -3.12
C GLN A 184 -18.80 -3.57 -1.65
N THR A 185 -17.87 -3.97 -0.79
CA THR A 185 -18.05 -3.80 0.65
C THR A 185 -17.01 -2.87 1.27
N LEU A 186 -15.74 -3.21 1.13
CA LEU A 186 -14.68 -2.45 1.81
C LEU A 186 -14.48 -1.03 1.26
N LEU A 187 -14.17 -0.92 -0.03
CA LEU A 187 -13.91 0.41 -0.60
C LEU A 187 -15.10 1.40 -0.47
N PRO A 188 -16.35 0.97 -0.72
CA PRO A 188 -17.40 1.98 -0.49
C PRO A 188 -17.51 2.41 0.98
N GLY A 189 -17.28 1.50 1.92
CA GLY A 189 -17.29 1.86 3.33
C GLY A 189 -16.20 2.85 3.71
N LEU A 190 -15.13 2.88 2.90
CA LEU A 190 -13.97 3.75 3.12
C LEU A 190 -14.15 5.11 2.41
N GLY A 191 -15.30 5.28 1.77
CA GLY A 191 -15.57 6.43 0.93
C GLY A 191 -14.73 6.47 -0.35
N MET A 192 -14.25 5.31 -0.78
CA MET A 192 -13.35 5.26 -1.94
C MET A 192 -14.09 4.78 -3.17
N HIS A 193 -14.93 5.66 -3.71
CA HIS A 193 -15.80 5.36 -4.85
C HIS A 193 -15.11 5.54 -6.21
N HIS A 194 -13.81 5.82 -6.22
CA HIS A 194 -13.04 5.86 -7.45
C HIS A 194 -11.78 5.01 -7.26
N THR A 195 -11.95 3.85 -6.64
CA THR A 195 -10.87 2.90 -6.42
C THR A 195 -11.29 1.50 -6.86
N TYR A 196 -10.40 0.80 -7.56
CA TYR A 196 -10.78 -0.49 -8.16
C TYR A 196 -9.68 -1.51 -8.11
N VAL A 197 -10.10 -2.76 -8.04
CA VAL A 197 -9.23 -3.88 -8.34
C VAL A 197 -9.20 -4.04 -9.85
N ASN A 198 -10.39 -4.01 -10.43
CA ASN A 198 -10.56 -4.05 -11.89
C ASN A 198 -11.25 -2.78 -12.37
N VAL A 199 -10.52 -1.95 -13.12
CA VAL A 199 -11.03 -0.67 -13.58
C VAL A 199 -12.12 -0.88 -14.63
N PRO A 200 -13.36 -0.44 -14.34
CA PRO A 200 -14.48 -0.73 -15.24
C PRO A 200 -14.45 0.19 -16.47
N LYS A 201 -15.17 -0.20 -17.51
CA LYS A 201 -15.21 0.54 -18.78
C LYS A 201 -15.44 2.03 -18.55
N GLN A 202 -16.38 2.33 -17.67
CA GLN A 202 -16.75 3.69 -17.29
C GLN A 202 -15.59 4.57 -16.78
N ALA A 203 -14.58 3.93 -16.17
CA ALA A 203 -13.47 4.68 -15.56
C ALA A 203 -12.13 4.59 -16.33
N MET A 204 -12.08 3.79 -17.39
CA MET A 204 -10.81 3.55 -18.10
C MET A 204 -10.12 4.82 -18.62
N ALA A 205 -10.90 5.80 -19.07
CA ALA A 205 -10.34 7.02 -19.61
C ALA A 205 -9.52 7.78 -18.56
N SER A 206 -9.83 7.56 -17.29
CA SER A 206 -9.09 8.18 -16.19
C SER A 206 -7.84 7.42 -15.77
N TYR A 207 -7.69 6.20 -16.29
CA TYR A 207 -6.57 5.31 -15.95
C TYR A 207 -5.30 5.73 -16.68
N ALA A 208 -4.30 6.19 -15.93
CA ALA A 208 -3.03 6.59 -16.53
C ALA A 208 -2.33 5.40 -17.18
N TYR A 209 -1.35 5.69 -18.03
CA TYR A 209 -0.39 4.68 -18.41
C TYR A 209 0.83 4.81 -17.51
N GLY A 210 1.44 3.68 -17.17
CA GLY A 210 2.75 3.70 -16.52
C GLY A 210 3.80 3.84 -17.61
N TYR A 211 5.00 4.26 -17.21
CA TYR A 211 6.10 4.38 -18.16
C TYR A 211 7.38 3.77 -17.60
N SER A 212 7.92 2.81 -18.35
CA SER A 212 9.14 2.10 -17.97
C SER A 212 10.36 3.01 -18.06
N LYS A 213 11.51 2.49 -17.63
CA LYS A 213 12.79 3.19 -17.75
C LYS A 213 13.09 3.58 -19.20
N GLU A 214 12.53 2.86 -20.17
CA GLU A 214 12.76 3.17 -21.58
C GLU A 214 11.61 3.98 -22.16
N ASP A 215 10.80 4.55 -21.28
CA ASP A 215 9.67 5.39 -21.68
C ASP A 215 8.67 4.64 -22.54
N LYS A 216 8.53 3.34 -22.32
CA LYS A 216 7.46 2.61 -22.96
C LYS A 216 6.24 2.59 -22.06
N PRO A 217 5.05 2.83 -22.64
CA PRO A 217 3.78 2.78 -21.90
C PRO A 217 3.46 1.38 -21.44
N ILE A 218 3.29 1.19 -20.13
CA ILE A 218 2.99 -0.12 -19.57
C ILE A 218 1.93 -0.05 -18.48
N ARG A 219 1.19 -1.14 -18.31
CA ARG A 219 0.35 -1.31 -17.14
C ARG A 219 0.64 -2.65 -16.49
N VAL A 220 0.17 -2.82 -15.26
CA VAL A 220 0.49 -3.99 -14.47
C VAL A 220 0.05 -5.28 -15.15
N ASN A 221 0.89 -6.31 -15.04
CA ASN A 221 0.61 -7.62 -15.60
C ASN A 221 -0.23 -8.47 -14.64
N PRO A 222 -1.17 -9.25 -15.20
CA PRO A 222 -1.87 -10.24 -14.38
C PRO A 222 -0.86 -11.23 -13.77
N GLY A 223 -1.03 -11.54 -12.50
CA GLY A 223 -0.18 -12.51 -11.83
C GLY A 223 -0.99 -13.15 -10.72
N MET A 224 -0.50 -14.25 -10.16
CA MET A 224 -1.25 -14.90 -9.08
C MET A 224 -1.32 -14.01 -7.84
N LEU A 225 -2.53 -13.88 -7.29
CA LEU A 225 -2.81 -13.07 -6.11
C LEU A 225 -2.41 -11.61 -6.28
N ALA A 226 -2.36 -11.15 -7.54
CA ALA A 226 -2.05 -9.76 -7.84
C ALA A 226 -3.09 -8.83 -7.21
N ASP A 227 -4.36 -9.23 -7.29
CA ASP A 227 -5.45 -8.45 -6.68
C ASP A 227 -5.15 -8.19 -5.20
N GLU A 228 -4.71 -9.24 -4.51
CA GLU A 228 -4.43 -9.15 -3.07
C GLU A 228 -3.13 -8.40 -2.76
N ALA A 229 -2.12 -8.52 -3.61
CA ALA A 229 -0.79 -8.06 -3.22
C ALA A 229 -0.42 -6.68 -3.76
N TYR A 230 -0.90 -6.32 -4.95
CA TYR A 230 -0.41 -5.10 -5.60
C TYR A 230 -1.28 -4.57 -6.74
N GLY A 231 -2.56 -4.94 -6.75
CA GLY A 231 -3.39 -4.68 -7.92
C GLY A 231 -4.44 -3.57 -7.87
N ILE A 232 -4.40 -2.70 -6.87
CA ILE A 232 -5.38 -1.60 -6.77
C ILE A 232 -5.01 -0.42 -7.68
N LYS A 233 -6.02 0.19 -8.29
CA LYS A 233 -5.87 1.45 -8.99
C LYS A 233 -6.67 2.50 -8.22
N THR A 234 -6.10 3.66 -7.97
CA THR A 234 -6.83 4.69 -7.25
C THR A 234 -6.34 6.07 -7.65
N SER A 235 -7.10 7.08 -7.22
CA SER A 235 -6.73 8.48 -7.41
C SER A 235 -6.15 9.05 -6.11
N SER A 236 -5.48 10.19 -6.21
CA SER A 236 -4.87 10.79 -5.04
C SER A 236 -5.94 11.27 -4.06
N ALA A 237 -7.08 11.68 -4.60
CA ALA A 237 -8.19 12.12 -3.76
C ALA A 237 -8.77 10.96 -2.96
N ASP A 238 -9.02 9.84 -3.62
CA ASP A 238 -9.50 8.63 -2.90
C ASP A 238 -8.50 8.12 -1.86
N LEU A 239 -7.22 8.10 -2.23
CA LEU A 239 -6.20 7.64 -1.27
C LEU A 239 -6.13 8.61 -0.09
N LEU A 240 -6.40 9.91 -0.30
CA LEU A 240 -6.35 10.83 0.83
C LEU A 240 -7.58 10.62 1.71
N ARG A 241 -8.70 10.21 1.12
CA ARG A 241 -9.88 9.82 1.89
C ARG A 241 -9.57 8.63 2.81
N PHE A 242 -8.73 7.71 2.33
CA PHE A 242 -8.26 6.56 3.11
C PHE A 242 -7.37 7.00 4.26
N VAL A 243 -6.48 7.96 4.00
CA VAL A 243 -5.69 8.56 5.06
C VAL A 243 -6.61 9.16 6.13
N LYS A 244 -7.58 9.94 5.68
CA LYS A 244 -8.58 10.55 6.55
C LYS A 244 -9.38 9.50 7.34
N ALA A 245 -9.73 8.39 6.68
CA ALA A 245 -10.40 7.29 7.37
C ALA A 245 -9.48 6.70 8.46
N ASN A 246 -8.18 6.70 8.21
CA ASN A 246 -7.23 6.18 9.19
C ASN A 246 -6.98 7.18 10.32
N ILE A 247 -7.48 8.40 10.17
CA ILE A 247 -7.31 9.41 11.21
C ILE A 247 -8.62 9.67 11.97
N GLY A 248 -9.65 10.11 11.27
CA GLY A 248 -10.93 10.43 11.87
C GLY A 248 -11.90 9.28 11.95
N GLY A 249 -11.63 8.21 11.22
CA GLY A 249 -12.54 7.07 11.21
C GLY A 249 -13.61 7.09 10.12
N VAL A 250 -14.55 6.15 10.19
CA VAL A 250 -15.65 6.04 9.23
C VAL A 250 -16.94 5.68 9.95
N ASP A 251 -18.06 5.70 9.23
CA ASP A 251 -19.35 5.44 9.82
C ASP A 251 -19.66 3.98 10.07
N ASP A 252 -19.12 3.08 9.26
CA ASP A 252 -19.36 1.66 9.48
C ASP A 252 -18.58 1.23 10.74
N LYS A 253 -19.27 0.66 11.70
CA LYS A 253 -18.66 0.35 13.00
C LYS A 253 -17.60 -0.75 12.94
N ALA A 254 -17.76 -1.69 12.00
CA ALA A 254 -16.86 -2.81 11.90
C ALA A 254 -15.61 -2.37 11.16
N LEU A 255 -15.82 -1.60 10.11
CA LEU A 255 -14.73 -1.03 9.37
C LEU A 255 -13.86 -0.14 10.25
N GLN A 256 -14.51 0.59 11.15
CA GLN A 256 -13.80 1.45 12.08
C GLN A 256 -12.83 0.65 12.94
N GLN A 257 -13.33 -0.42 13.53
CA GLN A 257 -12.49 -1.32 14.30
C GLN A 257 -11.36 -1.89 13.46
N ALA A 258 -11.67 -2.25 12.22
CA ALA A 258 -10.69 -2.89 11.36
C ALA A 258 -9.51 -1.96 11.08
N ILE A 259 -9.82 -0.68 10.87
CA ILE A 259 -8.80 0.34 10.63
C ILE A 259 -7.85 0.41 11.83
N SER A 260 -8.44 0.43 13.04
CA SER A 260 -7.65 0.52 14.26
C SER A 260 -6.75 -0.70 14.39
N LEU A 261 -7.29 -1.86 14.01
CA LEU A 261 -6.54 -3.11 14.12
C LEU A 261 -5.31 -3.10 13.20
N THR A 262 -5.41 -2.43 12.04
CA THR A 262 -4.28 -2.38 11.11
C THR A 262 -3.12 -1.55 11.67
N HIS A 263 -3.40 -0.74 12.68
CA HIS A 263 -2.36 0.09 13.29
C HIS A 263 -1.60 -0.64 14.40
N GLN A 264 -2.16 -1.72 14.90
CA GLN A 264 -1.54 -2.39 16.06
C GLN A 264 -0.22 -3.04 15.63
N GLY A 265 0.84 -2.78 16.38
CA GLY A 265 2.15 -3.31 16.04
C GLY A 265 2.32 -4.79 16.36
N HIS A 266 3.12 -5.49 15.56
CA HIS A 266 3.37 -6.92 15.76
C HIS A 266 4.83 -7.19 16.16
N TYR A 267 5.75 -6.50 15.48
CA TYR A 267 7.18 -6.61 15.74
C TYR A 267 7.84 -5.43 15.06
N SER A 268 9.12 -5.23 15.35
CA SER A 268 9.87 -4.17 14.71
C SER A 268 11.11 -4.70 14.02
N VAL A 269 11.58 -3.95 13.03
CA VAL A 269 12.86 -4.14 12.36
C VAL A 269 13.53 -2.79 12.39
N GLY A 270 14.59 -2.63 13.19
CA GLY A 270 15.17 -1.30 13.37
C GLY A 270 14.12 -0.36 13.92
N GLY A 271 14.03 0.85 13.37
CA GLY A 271 13.05 1.82 13.80
C GLY A 271 11.64 1.63 13.24
N MET A 272 11.47 0.62 12.40
CA MET A 272 10.17 0.39 11.78
C MET A 272 9.36 -0.63 12.56
N THR A 273 8.08 -0.36 12.79
CA THR A 273 7.20 -1.35 13.42
C THR A 273 6.15 -1.83 12.44
N GLN A 274 6.04 -3.15 12.32
CA GLN A 274 5.18 -3.75 11.30
C GLN A 274 3.76 -3.94 11.83
N GLY A 275 2.80 -3.28 11.18
CA GLY A 275 1.39 -3.46 11.52
C GLY A 275 0.74 -4.37 10.50
N LEU A 276 -0.57 -4.28 10.32
CA LEU A 276 -1.18 -4.99 9.20
C LEU A 276 -1.20 -4.05 7.98
N GLY A 277 -0.32 -4.31 7.02
CA GLY A 277 -0.21 -3.47 5.85
C GLY A 277 0.62 -2.24 6.13
N TRP A 278 0.18 -1.42 7.09
CA TRP A 278 0.90 -0.20 7.44
C TRP A 278 2.21 -0.53 8.17
N GLU A 279 3.23 0.30 7.94
CA GLU A 279 4.48 0.24 8.68
C GLU A 279 4.64 1.57 9.44
N SER A 280 5.02 1.51 10.71
CA SER A 280 4.93 2.70 11.54
C SER A 280 6.24 3.06 12.25
N TYR A 281 6.33 4.32 12.64
CA TYR A 281 7.53 4.93 13.23
C TYR A 281 7.12 5.88 14.34
N ALA A 282 7.94 6.00 15.38
CA ALA A 282 7.75 7.06 16.36
C ALA A 282 7.90 8.41 15.65
N TYR A 283 7.04 9.37 15.97
CA TYR A 283 7.07 10.68 15.33
C TYR A 283 7.37 11.75 16.38
N PRO A 284 8.19 12.76 16.03
CA PRO A 284 8.92 12.97 14.77
C PRO A 284 9.95 11.88 14.48
N VAL A 285 10.18 11.64 13.19
CA VAL A 285 11.07 10.57 12.75
C VAL A 285 12.15 11.14 11.84
N THR A 286 13.41 10.84 12.16
CA THR A 286 14.50 11.30 11.32
C THR A 286 14.39 10.75 9.91
N GLU A 287 14.88 11.53 8.95
CA GLU A 287 14.95 11.09 7.55
C GLU A 287 15.71 9.78 7.44
N GLN A 288 16.80 9.66 8.18
CA GLN A 288 17.63 8.45 8.12
C GLN A 288 16.85 7.20 8.57
N THR A 289 16.10 7.33 9.65
CA THR A 289 15.27 6.24 10.17
C THR A 289 14.19 5.87 9.16
N LEU A 290 13.57 6.87 8.57
CA LEU A 290 12.53 6.63 7.57
C LEU A 290 13.11 5.94 6.33
N LEU A 291 14.29 6.39 5.90
CA LEU A 291 14.98 5.74 4.78
C LEU A 291 15.40 4.31 5.12
N ALA A 292 15.83 4.07 6.36
CA ALA A 292 16.32 2.76 6.78
C ALA A 292 15.19 1.76 6.73
N GLY A 293 14.04 2.14 7.28
CA GLY A 293 12.89 1.25 7.32
C GLY A 293 12.36 0.92 5.93
N ASN A 294 12.61 1.81 4.97
CA ASN A 294 12.22 1.57 3.59
C ASN A 294 13.39 1.25 2.65
N SER A 295 14.47 0.73 3.22
CA SER A 295 15.69 0.45 2.47
C SER A 295 15.68 -0.93 1.80
N ALA A 296 16.62 -1.14 0.88
CA ALA A 296 16.76 -2.42 0.19
C ALA A 296 16.95 -3.56 1.19
N LYS A 297 17.68 -3.28 2.27
CA LYS A 297 17.93 -4.30 3.29
C LYS A 297 16.62 -4.81 3.90
N VAL A 298 15.72 -3.88 4.22
CA VAL A 298 14.44 -4.25 4.84
C VAL A 298 13.51 -4.86 3.79
N ILE A 299 13.54 -4.33 2.57
CA ILE A 299 12.62 -4.78 1.52
C ILE A 299 12.99 -6.14 0.92
N LEU A 300 14.29 -6.35 0.70
CA LEU A 300 14.74 -7.48 -0.11
C LEU A 300 15.25 -8.68 0.68
N GLU A 301 15.72 -8.44 1.90
CA GLU A 301 16.33 -9.56 2.63
C GLU A 301 15.63 -9.85 3.93
N ALA A 302 15.84 -11.04 4.45
CA ALA A 302 15.17 -11.47 5.66
C ALA A 302 15.81 -10.77 6.86
N ASN A 303 14.98 -10.21 7.72
CA ASN A 303 15.46 -9.55 8.91
C ASN A 303 14.79 -10.18 10.11
N PRO A 304 15.57 -10.34 11.20
CA PRO A 304 15.02 -10.89 12.46
C PRO A 304 13.93 -9.99 13.05
N THR A 305 12.85 -10.59 13.57
CA THR A 305 11.81 -9.79 14.21
C THR A 305 12.22 -9.38 15.62
N ALA A 306 12.15 -8.07 15.92
CA ALA A 306 12.34 -7.56 17.28
C ALA A 306 11.01 -7.08 17.91
N ALA A 307 11.03 -6.78 19.21
CA ALA A 307 9.84 -6.33 19.94
C ALA A 307 9.23 -5.08 19.30
N PRO A 308 7.89 -5.04 19.20
CA PRO A 308 7.23 -3.90 18.54
C PRO A 308 7.35 -2.64 19.39
N ARG A 309 7.30 -1.48 18.75
CA ARG A 309 7.28 -0.21 19.47
C ARG A 309 6.00 -0.19 20.32
N GLU A 310 6.08 0.40 21.50
CA GLU A 310 4.91 0.51 22.36
C GLU A 310 3.85 1.42 21.72
N SER A 311 2.57 1.09 21.95
CA SER A 311 1.47 1.85 21.33
C SER A 311 1.39 3.26 21.91
N GLN A 314 3.51 9.93 19.68
CA GLN A 314 2.79 9.99 18.42
C GLN A 314 3.48 9.17 17.33
N VAL A 315 2.74 8.89 16.26
CA VAL A 315 3.16 7.89 15.28
C VAL A 315 2.98 8.34 13.82
N LEU A 316 3.95 8.00 12.97
CA LEU A 316 3.80 8.13 11.52
C LEU A 316 3.57 6.74 10.93
N PHE A 317 2.59 6.67 10.03
CA PHE A 317 2.27 5.46 9.27
C PHE A 317 2.61 5.74 7.82
N ASN A 318 2.96 4.68 7.11
CA ASN A 318 3.53 4.90 5.78
C ASN A 318 3.45 3.58 4.99
N LYS A 319 3.48 3.69 3.66
CA LYS A 319 3.59 2.52 2.81
C LYS A 319 4.01 2.90 1.39
N THR A 320 5.03 2.23 0.89
CA THR A 320 5.42 2.41 -0.50
C THR A 320 4.68 1.43 -1.40
N GLY A 321 4.57 1.77 -2.67
CA GLY A 321 3.98 0.87 -3.64
C GLY A 321 4.65 1.08 -4.98
N SER A 322 4.98 -0.01 -5.66
CA SER A 322 5.63 0.08 -6.95
C SER A 322 5.19 -1.02 -7.91
N THR A 323 5.04 -0.65 -9.18
CA THR A 323 4.87 -1.62 -10.27
C THR A 323 5.88 -1.26 -11.34
N ASN A 324 5.84 -1.95 -12.48
CA ASN A 324 6.85 -1.70 -13.49
C ASN A 324 6.79 -0.26 -14.01
N GLY A 325 5.59 0.31 -14.01
CA GLY A 325 5.44 1.65 -14.56
C GLY A 325 4.98 2.72 -13.59
N PHE A 326 4.78 2.37 -12.32
CA PHE A 326 4.22 3.32 -11.34
C PHE A 326 5.03 3.35 -10.04
N GLY A 327 5.05 4.51 -9.37
CA GLY A 327 5.64 4.62 -8.04
C GLY A 327 4.78 5.44 -7.10
N ALA A 328 4.35 4.84 -5.99
CA ALA A 328 3.44 5.48 -5.05
C ALA A 328 4.01 5.59 -3.63
N TYR A 329 3.50 6.52 -2.84
CA TYR A 329 3.86 6.58 -1.43
C TYR A 329 2.78 7.31 -0.65
N VAL A 330 2.50 6.81 0.56
CA VAL A 330 1.56 7.47 1.43
C VAL A 330 2.13 7.50 2.84
N ALA A 331 2.02 8.65 3.49
CA ALA A 331 2.36 8.74 4.90
C ALA A 331 1.44 9.71 5.61
N PHE A 332 1.22 9.49 6.89
CA PHE A 332 0.37 10.37 7.65
C PHE A 332 0.63 10.24 9.13
N VAL A 333 0.34 11.31 9.84
CA VAL A 333 0.58 11.42 11.28
C VAL A 333 -0.74 11.84 11.92
N PRO A 334 -1.50 10.86 12.43
CA PRO A 334 -2.82 11.10 13.00
C PRO A 334 -2.79 12.15 14.11
N ALA A 335 -1.79 12.08 14.99
CA ALA A 335 -1.74 12.99 16.13
C ALA A 335 -1.61 14.45 15.69
N ARG A 336 -1.10 14.68 14.46
CA ARG A 336 -0.88 16.03 13.96
C ARG A 336 -1.82 16.41 12.82
N GLY A 337 -2.76 15.53 12.48
CA GLY A 337 -3.70 15.78 11.41
C GLY A 337 -3.05 16.10 10.07
N ILE A 338 -1.88 15.51 9.80
CA ILE A 338 -1.21 15.74 8.53
C ILE A 338 -1.02 14.41 7.78
N GLY A 339 -1.00 14.48 6.45
CA GLY A 339 -0.71 13.31 5.64
C GLY A 339 -0.33 13.69 4.22
N ILE A 340 0.28 12.76 3.50
CA ILE A 340 0.63 13.02 2.11
C ILE A 340 0.50 11.78 1.24
N VAL A 341 -0.06 11.99 0.06
CA VAL A 341 -0.19 10.97 -0.96
C VAL A 341 0.58 11.41 -2.20
N MET A 342 1.49 10.57 -2.68
CA MET A 342 2.25 10.87 -3.89
C MET A 342 2.12 9.73 -4.89
N LEU A 343 1.51 10.00 -6.03
CA LEU A 343 1.28 8.96 -7.03
C LEU A 343 1.89 9.34 -8.38
N ALA A 344 2.84 8.53 -8.85
CA ALA A 344 3.57 8.83 -10.08
C ALA A 344 3.42 7.70 -11.09
N ASN A 345 3.40 8.04 -12.38
CA ASN A 345 3.34 7.00 -13.40
C ASN A 345 4.75 6.70 -13.90
N ARG A 346 5.66 6.57 -12.94
CA ARG A 346 6.99 6.03 -13.18
C ARG A 346 7.51 5.45 -11.87
N ASN A 347 8.16 4.30 -11.92
CA ASN A 347 8.73 3.67 -10.73
C ASN A 347 10.09 4.26 -10.39
N TYR A 348 10.10 5.39 -9.69
CA TYR A 348 11.34 6.07 -9.38
C TYR A 348 11.77 5.68 -7.96
N PRO A 349 13.06 5.87 -7.62
CA PRO A 349 13.59 5.39 -6.33
C PRO A 349 12.79 5.74 -5.07
N ILE A 350 12.62 4.73 -4.22
CA ILE A 350 11.93 4.85 -2.95
C ILE A 350 12.57 5.93 -2.07
N GLU A 351 13.90 5.99 -2.08
CA GLU A 351 14.60 7.05 -1.35
C GLU A 351 14.16 8.46 -1.76
N ALA A 352 13.88 8.66 -3.05
CA ALA A 352 13.42 9.95 -3.52
C ALA A 352 12.04 10.26 -2.92
N ARG A 353 11.16 9.25 -2.89
CA ARG A 353 9.82 9.43 -2.34
C ARG A 353 9.83 9.82 -0.87
N ILE A 354 10.62 9.13 -0.07
CA ILE A 354 10.68 9.39 1.37
C ILE A 354 11.28 10.76 1.65
N LYS A 355 12.39 11.09 1.01
CA LYS A 355 13.03 12.39 1.22
C LYS A 355 12.05 13.55 0.98
N ALA A 356 11.29 13.47 -0.11
CA ALA A 356 10.37 14.54 -0.48
C ALA A 356 9.17 14.59 0.44
N ALA A 357 8.65 13.43 0.80
CA ALA A 357 7.50 13.38 1.68
C ALA A 357 7.95 13.82 3.03
N HIS A 358 9.16 13.43 3.38
CA HIS A 358 9.71 13.77 4.67
C HIS A 358 9.59 15.26 4.85
N ALA A 359 10.25 15.92 3.91
CA ALA A 359 10.39 17.35 3.84
C ALA A 359 9.06 18.08 3.87
N ILE A 360 8.07 17.55 3.14
CA ILE A 360 6.79 18.25 3.05
C ILE A 360 6.05 18.15 4.37
N LEU A 361 6.06 16.97 4.96
CA LEU A 361 5.34 16.73 6.21
C LEU A 361 5.87 17.58 7.33
N ALA A 362 7.19 17.77 7.33
CA ALA A 362 7.89 18.55 8.34
C ALA A 362 7.45 20.01 8.30
N GLN A 363 7.20 20.51 7.09
CA GLN A 363 6.73 21.89 6.93
C GLN A 363 5.25 21.98 7.26
N LEU A 364 4.51 20.90 7.02
CA LEU A 364 3.09 20.89 7.37
C LEU A 364 2.91 20.87 8.88
N ALA A 365 3.83 20.22 9.58
CA ALA A 365 3.72 20.03 11.02
C ALA A 365 3.83 21.37 11.73
N GLY A 366 4.66 22.26 11.16
CA GLY A 366 4.79 23.60 11.70
C GLY A 366 5.29 23.60 13.12
P 5GP B . 6.90 -1.70 -3.04
O1P 5GP B . 5.89 -2.39 -3.96
O2P 5GP B . 7.11 -0.21 -3.24
O3P 5GP B . 6.78 -2.01 -1.57
O5' 5GP B . 8.29 -2.34 -3.50
C5' 5GP B . 9.50 -2.01 -2.82
C4' 5GP B . 10.69 -1.90 -3.75
O4' 5GP B . 11.09 -3.23 -4.16
C3' 5GP B . 10.44 -1.10 -5.03
O3' 5GP B . 11.60 -0.32 -5.33
C2' 5GP B . 10.26 -2.19 -6.08
O2' 5GP B . 10.57 -1.79 -7.39
C1' 5GP B . 11.21 -3.27 -5.57
N9 5GP B . 10.91 -4.63 -6.02
C8 5GP B . 9.68 -5.18 -6.17
N7 5GP B . 9.82 -6.46 -6.59
C5 5GP B . 11.14 -6.71 -6.70
C6 5GP B . 11.87 -7.84 -7.09
O6 5GP B . 11.27 -8.89 -7.42
N1 5GP B . 13.22 -7.79 -7.10
C2 5GP B . 13.87 -6.66 -6.74
N2 5GP B . 15.22 -6.65 -6.76
N3 5GP B . 13.19 -5.55 -6.37
C4 5GP B . 11.82 -5.56 -6.33
CD CD C . 1.39 -10.95 15.46
CD CD D . 11.95 14.51 10.85
CD CD E . 6.61 23.75 15.88
CD CD F . 18.54 -14.73 11.60
CD CD G . -9.13 -19.87 -3.57
#